data_1RH1
#
_entry.id   1RH1
#
_cell.length_a   132.162
_cell.length_b   138.167
_cell.length_c   106.160
_cell.angle_alpha   90
_cell.angle_beta   90
_cell.angle_gamma   90
#
_symmetry.space_group_name_H-M   'C 2 2 21'
#
loop_
_entity.id
_entity.type
_entity.pdbx_description
1 polymer 'Colicin B'
2 water water
#
_entity_poly.entity_id   1
_entity_poly.type   'polypeptide(L)'
_entity_poly.pdbx_seq_one_letter_code
;MSDNEGSVPTEGIDYGDTMVVWPSTGRIPGGDVKPGGSSGLAPSMPPGWGDYSPQGIALVQSVLFPGIIRRIILDKELEE
GDWSGWSVSVHSPWGNEKVSAARTVLENGLRGGLPEPSRPAAVSFARLEPASGNEQKIIRLMVTQQLEQVTDIPASQLPA
AGNNVPVKYRLTDLMQNGTQYMAIIGGIPMTVPVVDAVPVPDRSRPGTNIKDVYSAPVSPNLPDLVLSVGQMNTPVRSNP
EIQEDGVISETGNYVEAGYTMSSNNHDVIVRFPEGSGVSPLYISAVEILDSNSLSQRQEAENNAKDDFRVKKEQENDEKT
VLTKTSEVIISVGDKVGEYLGDKYKALSREIAENINNFQGKTIRSYDDAMSSINKLMANPSLKINATDKEAIVNAWKAFN
AEDMGNKFAALGKTFKAADYAIKANNIREKSIEGYQTGNWGPLMLEVESWVISGMASAVALSLFSLTLGSALIAFGLSAT
VVGFVGVVIAGAIGAFIDDKFVDELNHKIIK
;
_entity_poly.pdbx_strand_id   A
#
# COMPACT_ATOMS: atom_id res chain seq x y z
N THR A 10 -3.43 18.98 -3.44
CA THR A 10 -3.00 18.31 -2.20
C THR A 10 -2.80 16.82 -2.48
N GLU A 11 -2.45 16.12 -1.39
CA GLU A 11 -2.12 14.70 -1.39
C GLU A 11 -2.50 14.09 -0.02
N GLY A 12 -2.06 14.78 1.04
CA GLY A 12 -2.34 14.47 2.44
C GLY A 12 -2.03 13.07 2.97
N ILE A 13 -2.96 12.80 3.92
CA ILE A 13 -3.05 11.59 4.74
C ILE A 13 -3.47 10.35 3.92
N ASP A 14 -4.03 10.65 2.75
CA ASP A 14 -4.49 9.72 1.71
C ASP A 14 -3.48 8.66 1.29
N TYR A 15 -2.22 9.14 1.09
CA TYR A 15 -1.04 8.40 0.63
C TYR A 15 -1.28 7.65 -0.68
N GLY A 16 -2.04 8.39 -1.51
CA GLY A 16 -2.52 8.03 -2.84
C GLY A 16 -3.41 6.79 -2.93
N ASP A 17 -3.90 6.30 -1.77
CA ASP A 17 -4.59 5.03 -1.52
C ASP A 17 -3.94 3.88 -2.30
N THR A 18 -2.70 3.75 -1.79
CA THR A 18 -1.60 2.84 -2.15
C THR A 18 -0.89 3.19 -3.47
N MET A 19 -1.02 4.41 -4.00
CA MET A 19 -0.37 4.71 -5.27
C MET A 19 0.91 5.54 -5.18
N VAL A 20 1.91 5.14 -5.97
CA VAL A 20 3.20 5.84 -6.03
C VAL A 20 3.12 6.91 -7.11
N VAL A 21 3.90 8.00 -7.05
CA VAL A 21 3.82 9.02 -8.08
C VAL A 21 4.63 8.76 -9.34
N TRP A 22 3.97 9.02 -10.46
CA TRP A 22 4.67 9.00 -11.72
C TRP A 22 4.81 10.49 -11.97
N PRO A 23 6.04 11.03 -12.00
CA PRO A 23 6.33 12.43 -12.27
C PRO A 23 5.98 12.59 -13.72
N SER A 24 4.99 13.40 -14.02
CA SER A 24 4.49 13.52 -15.38
C SER A 24 5.51 13.90 -16.42
N THR A 25 5.19 13.54 -17.67
CA THR A 25 6.03 13.79 -18.84
C THR A 25 6.45 15.26 -18.98
N GLY A 26 5.55 16.22 -18.63
CA GLY A 26 5.88 17.63 -18.66
C GLY A 26 4.65 18.53 -18.66
N ARG A 27 3.97 18.45 -19.81
CA ARG A 27 2.77 19.15 -20.28
C ARG A 27 3.13 19.73 -21.64
N ILE A 28 2.60 19.08 -22.70
CA ILE A 28 2.81 19.57 -24.05
C ILE A 28 1.86 20.74 -24.36
N PRO A 29 2.41 21.98 -24.44
CA PRO A 29 3.48 22.44 -25.38
C PRO A 29 4.73 21.65 -25.84
N GLY A 30 4.83 21.54 -27.18
CA GLY A 30 5.94 20.83 -27.82
C GLY A 30 5.94 20.84 -29.35
N GLY A 31 4.89 21.32 -30.04
CA GLY A 31 4.87 21.33 -31.50
C GLY A 31 3.62 22.00 -32.04
N SER A 44 0.97 39.89 -29.27
CA SER A 44 0.13 41.05 -29.51
C SER A 44 -0.12 41.92 -28.25
N MET A 45 -0.58 41.25 -27.16
CA MET A 45 -0.92 41.75 -25.81
C MET A 45 -1.64 43.09 -25.63
N PRO A 46 -2.09 43.44 -24.40
CA PRO A 46 -2.44 42.56 -23.28
C PRO A 46 -3.83 41.91 -23.35
N PRO A 47 -4.15 40.84 -22.58
CA PRO A 47 -5.40 40.08 -22.69
C PRO A 47 -6.64 40.90 -22.40
N GLY A 48 -7.67 40.72 -23.24
CA GLY A 48 -8.91 41.45 -23.10
C GLY A 48 -9.36 42.06 -24.41
N TRP A 49 -8.42 42.42 -25.32
CA TRP A 49 -8.74 43.15 -26.54
C TRP A 49 -9.77 42.60 -27.49
N GLY A 50 -9.96 41.28 -27.53
CA GLY A 50 -10.91 40.69 -28.47
C GLY A 50 -12.34 41.04 -28.13
N ASP A 51 -13.25 40.46 -28.91
CA ASP A 51 -14.67 40.64 -28.69
C ASP A 51 -15.17 39.71 -27.58
N TYR A 52 -14.86 40.12 -26.35
CA TYR A 52 -15.20 39.43 -25.11
C TYR A 52 -15.68 40.39 -24.01
N SER A 53 -16.19 39.83 -22.91
CA SER A 53 -16.69 40.67 -21.82
C SER A 53 -15.62 41.15 -20.84
N PRO A 54 -15.69 42.45 -20.46
CA PRO A 54 -14.73 43.18 -19.64
C PRO A 54 -14.61 42.77 -18.21
N GLN A 55 -15.53 41.88 -17.80
CA GLN A 55 -15.61 41.27 -16.49
C GLN A 55 -14.31 40.70 -16.01
N GLY A 56 -13.49 40.25 -16.97
CA GLY A 56 -12.15 39.79 -16.68
C GLY A 56 -11.97 38.30 -16.88
N ILE A 57 -13.07 37.57 -17.01
CA ILE A 57 -12.95 36.14 -17.12
C ILE A 57 -12.93 35.76 -18.58
N ALA A 58 -12.21 34.64 -18.77
CA ALA A 58 -12.09 33.98 -20.06
C ALA A 58 -13.43 33.48 -20.57
N LEU A 59 -13.62 33.08 -21.83
CA LEU A 59 -14.96 32.66 -22.27
C LEU A 59 -15.42 31.37 -21.57
N VAL A 60 -16.74 31.18 -21.49
CA VAL A 60 -17.26 29.96 -20.88
C VAL A 60 -17.16 28.93 -22.00
N GLN A 61 -16.10 28.13 -21.92
CA GLN A 61 -15.84 27.26 -23.04
C GLN A 61 -16.69 26.04 -23.13
N SER A 62 -17.05 25.43 -22.02
CA SER A 62 -17.83 24.21 -22.05
C SER A 62 -18.79 24.07 -20.88
N VAL A 63 -19.60 23.02 -20.89
CA VAL A 63 -20.59 22.73 -19.83
C VAL A 63 -20.22 21.42 -19.15
N LEU A 64 -20.19 21.53 -17.84
CA LEU A 64 -19.90 20.40 -16.99
C LEU A 64 -21.14 19.73 -16.37
N PHE A 65 -21.71 18.76 -17.14
CA PHE A 65 -22.81 17.89 -16.70
C PHE A 65 -22.18 16.72 -15.97
N PRO A 66 -22.71 16.21 -14.84
CA PRO A 66 -22.06 15.15 -14.09
C PRO A 66 -22.06 13.83 -14.83
N GLY A 67 -20.83 13.30 -14.77
CA GLY A 67 -20.48 12.04 -15.40
C GLY A 67 -20.00 12.17 -16.82
N ILE A 68 -20.29 13.27 -17.52
CA ILE A 68 -19.87 13.47 -18.91
C ILE A 68 -18.53 14.22 -19.06
N ILE A 69 -17.50 13.47 -19.47
CA ILE A 69 -16.14 13.96 -19.73
C ILE A 69 -16.07 15.00 -20.84
N ARG A 70 -15.24 16.01 -20.54
CA ARG A 70 -14.99 17.16 -21.40
C ARG A 70 -13.54 17.59 -21.43
N ARG A 71 -13.19 17.90 -22.67
CA ARG A 71 -11.90 18.35 -23.09
C ARG A 71 -11.87 19.87 -23.00
N ILE A 72 -11.21 20.31 -21.92
CA ILE A 72 -11.11 21.71 -21.55
C ILE A 72 -9.67 22.20 -21.79
N ILE A 73 -9.60 23.32 -22.52
CA ILE A 73 -8.37 23.91 -23.04
C ILE A 73 -7.94 25.15 -22.27
N LEU A 74 -6.72 25.29 -21.79
CA LEU A 74 -6.28 26.49 -21.07
C LEU A 74 -5.98 27.59 -22.07
N ASP A 75 -6.41 28.84 -21.80
CA ASP A 75 -6.27 29.97 -22.74
C ASP A 75 -6.81 29.59 -24.13
N LYS A 76 -8.01 28.99 -24.15
CA LYS A 76 -8.63 28.51 -25.37
C LYS A 76 -8.53 29.48 -26.52
N GLU A 77 -8.77 30.75 -26.17
CA GLU A 77 -8.82 31.87 -27.10
C GLU A 77 -7.98 33.10 -26.74
N LEU A 78 -6.79 32.92 -26.16
CA LEU A 78 -5.98 34.06 -25.75
C LEU A 78 -5.54 34.96 -26.90
N GLU A 79 -5.02 34.30 -27.95
CA GLU A 79 -4.54 34.91 -29.18
C GLU A 79 -5.64 35.49 -30.04
N GLU A 80 -6.81 34.87 -29.87
CA GLU A 80 -8.01 35.28 -30.57
C GLU A 80 -8.52 36.55 -29.82
N GLY A 81 -7.84 37.07 -28.78
CA GLY A 81 -8.23 38.30 -28.07
C GLY A 81 -8.68 38.21 -26.60
N ASP A 82 -9.11 37.05 -26.09
CA ASP A 82 -9.72 36.86 -24.78
C ASP A 82 -8.84 37.14 -23.58
N TRP A 83 -9.46 36.97 -22.40
CA TRP A 83 -8.79 37.09 -21.13
C TRP A 83 -8.08 35.80 -20.81
N SER A 84 -7.16 35.92 -19.86
CA SER A 84 -6.36 34.80 -19.41
C SER A 84 -7.15 33.68 -18.76
N GLY A 85 -6.80 32.42 -19.09
CA GLY A 85 -7.34 31.26 -18.40
C GLY A 85 -8.38 30.35 -19.04
N TRP A 86 -9.11 29.97 -17.98
CA TRP A 86 -10.08 28.91 -17.88
C TRP A 86 -11.50 29.26 -17.42
N SER A 87 -12.56 28.74 -18.05
CA SER A 87 -13.94 28.98 -17.57
C SER A 87 -14.89 27.91 -18.09
N VAL A 88 -15.56 27.21 -17.18
CA VAL A 88 -16.54 26.18 -17.52
C VAL A 88 -17.89 26.46 -16.88
N SER A 89 -19.00 25.99 -17.44
CA SER A 89 -20.32 26.09 -16.82
C SER A 89 -20.66 24.81 -16.04
N VAL A 90 -21.16 24.91 -14.80
CA VAL A 90 -21.61 23.74 -14.03
C VAL A 90 -23.13 23.58 -14.27
N HIS A 91 -23.58 22.39 -14.73
CA HIS A 91 -25.00 22.16 -14.93
C HIS A 91 -25.48 20.94 -14.15
N SER A 92 -26.79 20.92 -13.87
CA SER A 92 -27.50 19.88 -13.15
C SER A 92 -27.54 18.60 -13.96
N PRO A 93 -27.90 17.41 -13.47
CA PRO A 93 -28.08 16.23 -14.30
C PRO A 93 -28.91 16.42 -15.57
N TRP A 94 -28.18 16.08 -16.64
CA TRP A 94 -28.72 16.02 -18.00
C TRP A 94 -27.84 15.10 -18.85
N GLY A 95 -28.47 14.42 -19.82
CA GLY A 95 -27.78 13.64 -20.83
C GLY A 95 -27.23 12.29 -20.42
N ASN A 96 -26.70 11.62 -21.44
CA ASN A 96 -26.18 10.26 -21.33
C ASN A 96 -24.76 10.23 -20.77
N GLU A 97 -24.63 9.75 -19.54
CA GLU A 97 -23.32 9.62 -18.94
C GLU A 97 -22.93 8.18 -18.74
N LYS A 98 -21.63 7.84 -18.70
CA LYS A 98 -21.23 6.44 -18.60
C LYS A 98 -20.75 5.95 -17.23
N VAL A 99 -20.71 6.85 -16.21
CA VAL A 99 -20.20 6.49 -14.89
C VAL A 99 -21.13 5.57 -14.15
N SER A 100 -22.43 5.82 -14.23
CA SER A 100 -23.43 5.02 -13.55
C SER A 100 -23.37 3.55 -13.94
N ALA A 101 -22.99 3.24 -15.18
CA ALA A 101 -22.83 1.86 -15.63
C ALA A 101 -21.56 1.24 -15.06
N ALA A 102 -20.42 1.96 -15.09
CA ALA A 102 -19.18 1.49 -14.50
C ALA A 102 -19.31 1.32 -12.99
N ARG A 103 -20.17 2.09 -12.33
CA ARG A 103 -20.35 2.03 -10.90
C ARG A 103 -21.08 0.76 -10.58
N THR A 104 -22.07 0.41 -11.41
CA THR A 104 -22.82 -0.81 -11.22
C THR A 104 -21.90 -2.00 -11.29
N VAL A 105 -20.95 -2.08 -12.24
CA VAL A 105 -19.99 -3.18 -12.28
C VAL A 105 -19.06 -3.13 -11.08
N LEU A 106 -18.67 -1.93 -10.62
CA LEU A 106 -17.78 -1.81 -9.47
C LEU A 106 -18.49 -2.35 -8.25
N GLU A 107 -19.71 -1.88 -7.92
CA GLU A 107 -20.49 -2.34 -6.78
C GLU A 107 -20.71 -3.85 -6.76
N ASN A 108 -21.25 -4.39 -7.86
CA ASN A 108 -21.37 -5.82 -8.06
C ASN A 108 -20.07 -6.55 -7.84
N GLY A 109 -18.95 -6.16 -8.44
CA GLY A 109 -17.72 -6.91 -8.25
C GLY A 109 -17.19 -6.86 -6.84
N LEU A 110 -17.57 -5.80 -6.11
CA LEU A 110 -17.08 -5.59 -4.77
C LEU A 110 -17.70 -6.50 -3.76
N ARG A 111 -18.81 -7.12 -4.13
CA ARG A 111 -19.48 -8.10 -3.31
C ARG A 111 -18.72 -9.43 -3.33
N GLY A 112 -17.79 -9.60 -4.27
CA GLY A 112 -16.96 -10.79 -4.42
C GLY A 112 -15.51 -10.57 -3.99
N GLY A 113 -15.28 -9.50 -3.22
CA GLY A 113 -13.96 -9.14 -2.74
C GLY A 113 -13.21 -8.29 -3.73
N LEU A 114 -12.24 -7.57 -3.17
CA LEU A 114 -11.31 -6.76 -3.96
C LEU A 114 -10.40 -7.62 -4.86
N PRO A 115 -9.97 -7.20 -6.06
CA PRO A 115 -8.90 -7.86 -6.84
C PRO A 115 -7.61 -8.07 -6.03
N GLU A 116 -7.22 -6.97 -5.38
CA GLU A 116 -6.08 -7.00 -4.51
C GLU A 116 -6.46 -6.25 -3.23
N PRO A 117 -6.53 -6.99 -2.13
CA PRO A 117 -6.78 -6.48 -0.81
C PRO A 117 -5.80 -5.41 -0.38
N SER A 118 -6.48 -4.41 0.15
CA SER A 118 -6.00 -3.13 0.70
C SER A 118 -5.67 -2.15 -0.41
N ARG A 119 -6.26 -2.41 -1.56
CA ARG A 119 -6.05 -1.61 -2.73
C ARG A 119 -7.35 -1.48 -3.45
N PRO A 120 -7.66 -0.29 -3.96
CA PRO A 120 -8.96 0.05 -4.52
C PRO A 120 -9.30 -0.83 -5.71
N ALA A 121 -10.55 -0.82 -6.16
CA ALA A 121 -10.96 -1.62 -7.30
C ALA A 121 -11.42 -0.64 -8.38
N ALA A 122 -11.29 -0.99 -9.65
CA ALA A 122 -11.60 -0.04 -10.69
C ALA A 122 -12.37 -0.64 -11.83
N VAL A 123 -13.25 0.17 -12.43
CA VAL A 123 -13.94 -0.19 -13.64
C VAL A 123 -13.94 1.01 -14.61
N SER A 124 -13.44 0.90 -15.84
CA SER A 124 -13.41 2.00 -16.81
C SER A 124 -14.74 2.51 -17.34
N PHE A 125 -14.90 3.83 -17.57
CA PHE A 125 -16.08 4.35 -18.21
C PHE A 125 -15.81 5.09 -19.54
N ALA A 126 -14.54 5.41 -19.83
CA ALA A 126 -14.09 5.99 -21.10
C ALA A 126 -12.64 5.63 -21.33
N ARG A 127 -12.34 5.34 -22.61
CA ARG A 127 -11.04 4.96 -23.16
C ARG A 127 -10.44 6.12 -23.92
N LEU A 128 -9.17 6.41 -23.67
CA LEU A 128 -8.46 7.52 -24.29
C LEU A 128 -7.40 7.27 -25.38
N GLU A 129 -7.66 7.92 -26.51
CA GLU A 129 -6.73 7.91 -27.64
C GLU A 129 -5.58 8.81 -27.25
N PRO A 130 -4.31 8.42 -27.49
CA PRO A 130 -3.15 9.15 -27.00
C PRO A 130 -3.03 10.50 -27.64
N ALA A 131 -2.54 11.47 -26.88
CA ALA A 131 -2.36 12.81 -27.40
C ALA A 131 -1.25 12.82 -28.44
N SER A 132 -1.36 13.76 -29.40
CA SER A 132 -0.37 13.90 -30.44
C SER A 132 0.97 14.44 -29.98
N GLY A 133 1.16 15.09 -28.82
CA GLY A 133 2.48 15.66 -28.47
C GLY A 133 2.79 16.97 -29.22
N ASN A 134 2.04 17.16 -30.31
CA ASN A 134 2.13 18.30 -31.20
C ASN A 134 1.25 19.47 -30.78
N GLU A 135 1.03 19.65 -29.47
CA GLU A 135 0.10 20.68 -29.05
C GLU A 135 0.74 21.76 -28.22
N GLN A 136 0.26 23.01 -28.43
CA GLN A 136 0.75 24.16 -27.66
C GLN A 136 -0.08 24.40 -26.43
N LYS A 137 -1.35 24.03 -26.58
CA LYS A 137 -2.30 24.18 -25.51
C LYS A 137 -2.25 23.08 -24.46
N ILE A 138 -2.55 23.54 -23.24
CA ILE A 138 -2.69 22.63 -22.12
C ILE A 138 -4.16 22.30 -22.02
N ILE A 139 -4.44 21.10 -22.51
CA ILE A 139 -5.76 20.51 -22.49
C ILE A 139 -5.84 19.78 -21.15
N ARG A 140 -7.08 19.58 -20.69
CA ARG A 140 -7.38 18.80 -19.49
C ARG A 140 -8.79 18.18 -19.52
N LEU A 141 -8.96 16.87 -19.36
CA LEU A 141 -10.26 16.21 -19.36
C LEU A 141 -10.88 16.32 -17.99
N MET A 142 -12.03 16.97 -17.88
CA MET A 142 -12.64 17.13 -16.59
C MET A 142 -13.94 16.36 -16.54
N VAL A 143 -14.17 15.75 -15.36
CA VAL A 143 -15.37 14.97 -15.08
C VAL A 143 -15.93 15.50 -13.78
N THR A 144 -17.24 15.51 -13.70
CA THR A 144 -17.92 16.07 -12.57
C THR A 144 -18.88 15.10 -11.94
N GLN A 145 -19.06 15.24 -10.63
CA GLN A 145 -20.02 14.46 -9.85
C GLN A 145 -20.62 15.26 -8.70
N GLN A 146 -21.93 15.15 -8.47
CA GLN A 146 -22.57 15.73 -7.30
C GLN A 146 -21.98 15.16 -5.99
N LEU A 147 -21.97 15.90 -4.86
CA LEU A 147 -21.31 15.45 -3.63
C LEU A 147 -21.69 14.05 -3.17
N GLU A 148 -23.00 13.88 -3.11
CA GLU A 148 -23.59 12.64 -2.69
C GLU A 148 -23.24 11.48 -3.58
N GLN A 149 -22.97 11.61 -4.88
CA GLN A 149 -22.57 10.47 -5.69
C GLN A 149 -21.19 9.94 -5.37
N VAL A 150 -20.29 10.70 -4.72
CA VAL A 150 -18.95 10.19 -4.38
C VAL A 150 -18.74 10.01 -2.90
N THR A 151 -19.65 10.53 -2.06
CA THR A 151 -19.54 10.42 -0.62
C THR A 151 -20.87 10.61 0.11
N ASP A 152 -20.98 9.92 1.27
CA ASP A 152 -22.14 9.99 2.19
C ASP A 152 -22.18 11.05 3.31
N ILE A 153 -21.09 11.86 3.38
CA ILE A 153 -20.91 12.97 4.31
C ILE A 153 -21.76 14.11 3.77
N PRO A 154 -22.59 14.69 4.62
CA PRO A 154 -23.46 15.80 4.24
C PRO A 154 -22.60 16.99 3.88
N ALA A 155 -23.07 17.73 2.88
CA ALA A 155 -22.45 18.97 2.46
C ALA A 155 -22.15 19.86 3.66
N SER A 156 -23.19 19.90 4.50
CA SER A 156 -23.27 20.59 5.79
C SER A 156 -22.27 20.07 6.82
N GLN A 157 -21.68 18.89 6.59
CA GLN A 157 -20.66 18.32 7.46
C GLN A 157 -19.29 18.15 6.82
N LEU A 158 -19.11 18.69 5.60
CA LEU A 158 -17.81 18.73 4.94
C LEU A 158 -16.76 19.40 5.82
N PRO A 159 -15.47 19.05 5.77
CA PRO A 159 -14.43 19.79 6.47
C PRO A 159 -14.23 21.22 5.93
N ALA A 160 -13.49 22.03 6.69
CA ALA A 160 -13.06 23.35 6.24
C ALA A 160 -12.04 23.13 5.14
N ALA A 161 -12.05 23.96 4.07
CA ALA A 161 -11.12 23.78 2.98
C ALA A 161 -9.67 23.59 3.40
N GLY A 162 -8.93 22.84 2.61
CA GLY A 162 -7.58 22.50 2.98
C GLY A 162 -7.56 21.30 3.92
N ASN A 163 -8.53 20.41 3.80
CA ASN A 163 -8.59 19.17 4.54
C ASN A 163 -9.24 18.14 3.64
N ASN A 164 -8.88 16.88 3.91
CA ASN A 164 -9.40 15.77 3.14
C ASN A 164 -10.70 15.25 3.71
N VAL A 165 -11.68 15.05 2.85
CA VAL A 165 -12.93 14.47 3.24
C VAL A 165 -12.97 12.99 2.85
N PRO A 166 -13.44 12.11 3.74
CA PRO A 166 -13.70 10.71 3.43
C PRO A 166 -14.55 10.50 2.21
N VAL A 167 -14.14 9.74 1.19
CA VAL A 167 -14.98 9.48 0.01
C VAL A 167 -15.26 8.00 -0.23
N LYS A 168 -16.30 7.65 -1.01
CA LYS A 168 -16.56 6.24 -1.31
C LYS A 168 -16.26 5.77 -2.72
N TYR A 169 -16.23 6.72 -3.64
CA TYR A 169 -15.99 6.54 -5.05
C TYR A 169 -15.12 7.70 -5.44
N ARG A 170 -14.27 7.46 -6.44
CA ARG A 170 -13.43 8.46 -7.02
C ARG A 170 -13.37 8.26 -8.51
N LEU A 171 -13.22 9.35 -9.23
CA LEU A 171 -13.06 9.30 -10.67
C LEU A 171 -11.65 9.72 -11.04
N THR A 172 -10.79 8.80 -11.48
CA THR A 172 -9.41 9.06 -11.89
C THR A 172 -9.04 8.23 -13.11
N ASP A 173 -7.78 7.97 -13.42
CA ASP A 173 -7.50 7.22 -14.64
C ASP A 173 -6.78 5.92 -14.38
N LEU A 174 -6.81 5.06 -15.39
CA LEU A 174 -6.33 3.69 -15.32
C LEU A 174 -5.42 3.37 -16.47
N MET A 175 -4.16 3.14 -16.13
CA MET A 175 -3.23 2.72 -17.14
C MET A 175 -3.43 1.24 -17.37
N GLN A 176 -4.10 0.84 -18.47
CA GLN A 176 -4.32 -0.57 -18.74
C GLN A 176 -3.80 -1.02 -20.10
N ASN A 177 -2.60 -1.62 -20.03
CA ASN A 177 -1.81 -2.15 -21.14
C ASN A 177 -1.24 -1.11 -22.06
N GLY A 178 -0.62 -0.12 -21.42
CA GLY A 178 0.01 0.96 -22.14
C GLY A 178 -0.99 1.93 -22.72
N THR A 179 -2.31 1.65 -22.78
CA THR A 179 -3.34 2.60 -23.21
C THR A 179 -4.05 3.15 -21.97
N GLN A 180 -4.20 4.49 -21.88
CA GLN A 180 -4.80 5.15 -20.71
C GLN A 180 -6.32 5.17 -20.77
N TYR A 181 -6.90 4.73 -19.65
CA TYR A 181 -8.34 4.67 -19.43
C TYR A 181 -8.85 5.70 -18.42
N MET A 182 -10.14 6.02 -18.37
CA MET A 182 -10.68 6.79 -17.26
C MET A 182 -11.67 5.89 -16.55
N ALA A 183 -11.48 5.73 -15.24
CA ALA A 183 -12.20 4.78 -14.43
C ALA A 183 -12.82 5.28 -13.15
N ILE A 184 -13.67 4.47 -12.52
CA ILE A 184 -14.22 4.79 -11.21
C ILE A 184 -13.61 3.86 -10.19
N ILE A 185 -12.85 4.38 -9.25
CA ILE A 185 -12.29 3.52 -8.25
C ILE A 185 -13.09 3.52 -6.98
N GLY A 186 -12.90 2.50 -6.17
CA GLY A 186 -13.60 2.38 -4.92
C GLY A 186 -13.17 1.14 -4.18
N GLY A 187 -13.80 0.84 -3.06
CA GLY A 187 -13.51 -0.42 -2.39
C GLY A 187 -12.73 -0.34 -1.09
N ILE A 188 -11.71 0.52 -1.00
CA ILE A 188 -11.00 0.74 0.26
C ILE A 188 -11.36 2.14 0.76
N PRO A 189 -11.03 2.46 2.00
CA PRO A 189 -11.13 3.79 2.55
C PRO A 189 -10.33 4.87 1.82
N MET A 190 -10.98 5.60 0.93
CA MET A 190 -10.28 6.65 0.22
C MET A 190 -10.67 7.98 0.81
N THR A 191 -9.88 9.00 0.43
CA THR A 191 -10.08 10.37 0.87
C THR A 191 -9.87 11.38 -0.26
N VAL A 192 -10.47 12.58 -0.27
CA VAL A 192 -10.29 13.60 -1.32
C VAL A 192 -10.14 15.01 -0.74
N PRO A 193 -9.21 15.87 -1.14
CA PRO A 193 -9.10 17.26 -0.66
C PRO A 193 -10.26 18.21 -0.87
N VAL A 194 -10.70 18.88 0.20
CA VAL A 194 -11.70 19.95 0.06
C VAL A 194 -10.98 21.26 -0.32
N VAL A 195 -11.41 21.91 -1.41
CA VAL A 195 -10.85 23.20 -1.83
C VAL A 195 -11.99 24.20 -1.86
N ASP A 196 -11.54 25.46 -1.93
CA ASP A 196 -12.46 26.60 -1.83
C ASP A 196 -12.70 27.48 -3.04
N ALA A 197 -13.97 27.53 -3.46
CA ALA A 197 -14.42 28.43 -4.50
C ALA A 197 -14.65 29.79 -3.85
N VAL A 198 -14.02 30.75 -4.50
CA VAL A 198 -14.00 32.17 -4.13
C VAL A 198 -14.70 33.03 -5.21
N PRO A 199 -15.54 34.04 -4.91
CA PRO A 199 -16.18 34.88 -5.92
C PRO A 199 -15.17 35.65 -6.77
N VAL A 200 -15.43 35.73 -8.07
CA VAL A 200 -14.49 36.39 -8.97
C VAL A 200 -14.96 37.83 -9.18
N PRO A 201 -14.11 38.84 -8.99
CA PRO A 201 -14.35 40.23 -9.35
C PRO A 201 -14.57 40.59 -10.80
N ASP A 202 -15.58 41.47 -10.92
CA ASP A 202 -15.98 42.09 -12.16
C ASP A 202 -15.03 43.24 -12.44
N ARG A 203 -14.17 43.05 -13.44
CA ARG A 203 -13.24 44.09 -13.86
C ARG A 203 -13.96 45.26 -14.51
N SER A 204 -15.22 45.12 -14.98
CA SER A 204 -15.95 46.22 -15.60
C SER A 204 -16.76 47.07 -14.66
N ARG A 205 -17.13 46.53 -13.47
CA ARG A 205 -17.92 47.23 -12.48
C ARG A 205 -17.25 47.05 -11.13
N PRO A 206 -16.20 47.81 -10.81
CA PRO A 206 -15.32 47.60 -9.65
C PRO A 206 -16.03 47.68 -8.31
N GLY A 207 -15.48 46.96 -7.33
CA GLY A 207 -16.06 46.84 -6.00
C GLY A 207 -17.02 45.65 -5.94
N THR A 208 -17.85 45.46 -6.98
CA THR A 208 -18.74 44.31 -7.04
C THR A 208 -17.98 43.13 -7.66
N ASN A 209 -18.39 41.89 -7.31
CA ASN A 209 -17.85 40.64 -7.89
C ASN A 209 -18.80 40.16 -9.01
N ILE A 210 -18.42 39.28 -9.95
CA ILE A 210 -19.31 38.78 -11.01
C ILE A 210 -20.31 37.80 -10.38
N LYS A 211 -21.60 38.13 -10.60
CA LYS A 211 -22.70 37.35 -10.06
C LYS A 211 -22.65 35.92 -10.56
N ASP A 212 -22.71 34.99 -9.59
CA ASP A 212 -22.79 33.56 -9.82
C ASP A 212 -21.67 32.90 -10.61
N VAL A 213 -20.46 33.40 -10.36
CA VAL A 213 -19.22 32.99 -10.99
C VAL A 213 -18.26 32.99 -9.80
N TYR A 214 -17.59 31.84 -9.65
CA TYR A 214 -16.65 31.57 -8.57
C TYR A 214 -15.40 30.94 -9.15
N SER A 215 -14.23 31.01 -8.52
CA SER A 215 -13.03 30.35 -9.03
C SER A 215 -12.49 29.34 -8.02
N ALA A 216 -12.06 28.16 -8.48
CA ALA A 216 -11.56 27.13 -7.58
C ALA A 216 -10.28 26.50 -8.06
N PRO A 217 -9.33 26.17 -7.16
CA PRO A 217 -8.13 25.44 -7.50
C PRO A 217 -8.28 23.93 -7.77
N VAL A 218 -8.88 23.66 -8.93
CA VAL A 218 -8.95 22.32 -9.47
C VAL A 218 -7.52 21.97 -9.88
N SER A 219 -6.84 22.97 -10.48
CA SER A 219 -5.39 23.01 -10.68
C SER A 219 -4.84 21.79 -11.40
N PRO A 220 -3.79 21.02 -11.02
CA PRO A 220 -2.56 21.40 -10.32
C PRO A 220 -1.55 22.06 -11.23
N ASN A 221 -0.78 22.99 -10.65
CA ASN A 221 0.18 23.87 -11.33
C ASN A 221 -0.45 24.91 -12.27
N LEU A 222 -1.66 24.62 -12.77
CA LEU A 222 -2.41 25.48 -13.68
C LEU A 222 -3.23 26.53 -12.94
N PRO A 223 -3.67 27.64 -13.54
CA PRO A 223 -4.49 28.61 -12.88
C PRO A 223 -5.88 28.07 -12.49
N ASP A 224 -6.46 28.75 -11.48
CA ASP A 224 -7.75 28.42 -10.93
C ASP A 224 -8.85 28.36 -11.99
N LEU A 225 -9.69 27.31 -11.93
CA LEU A 225 -10.76 27.15 -12.90
C LEU A 225 -11.91 28.06 -12.51
N VAL A 226 -12.54 28.71 -13.48
CA VAL A 226 -13.66 29.58 -13.18
C VAL A 226 -14.88 28.73 -13.40
N LEU A 227 -15.76 28.70 -12.39
CA LEU A 227 -17.00 27.92 -12.49
C LEU A 227 -18.20 28.86 -12.53
N SER A 228 -18.92 28.81 -13.64
CA SER A 228 -20.10 29.61 -13.83
C SER A 228 -21.31 28.74 -13.47
N VAL A 229 -21.74 28.94 -12.22
CA VAL A 229 -22.82 28.15 -11.64
C VAL A 229 -24.20 28.77 -11.78
N GLY A 230 -24.26 29.91 -12.46
CA GLY A 230 -25.48 30.68 -12.65
C GLY A 230 -26.65 29.93 -13.26
N GLN A 231 -26.48 29.47 -14.49
CA GLN A 231 -27.56 28.86 -15.24
C GLN A 231 -27.46 27.35 -15.30
N MET A 232 -27.48 26.87 -14.05
CA MET A 232 -27.39 25.48 -13.75
C MET A 232 -28.59 24.67 -14.20
N ASN A 233 -29.79 25.23 -14.27
CA ASN A 233 -30.94 24.44 -14.66
C ASN A 233 -31.58 24.80 -15.98
N THR A 234 -30.93 25.63 -16.80
CA THR A 234 -31.50 26.02 -18.09
C THR A 234 -31.81 24.83 -18.99
N PRO A 235 -32.84 24.92 -19.85
CA PRO A 235 -33.08 23.98 -20.93
C PRO A 235 -31.85 23.74 -21.81
N VAL A 236 -31.53 22.45 -21.96
CA VAL A 236 -30.39 22.06 -22.77
C VAL A 236 -30.95 21.23 -23.90
N ARG A 237 -31.18 21.75 -25.10
CA ARG A 237 -31.72 20.83 -26.09
C ARG A 237 -30.76 20.61 -27.25
N SER A 238 -29.59 20.18 -26.77
CA SER A 238 -28.42 19.94 -27.57
C SER A 238 -27.86 18.54 -27.37
N ASN A 239 -28.55 17.57 -27.99
CA ASN A 239 -28.24 16.14 -28.05
C ASN A 239 -27.54 15.45 -26.89
N PRO A 240 -28.20 14.46 -26.26
CA PRO A 240 -27.76 13.81 -25.05
C PRO A 240 -26.41 13.13 -25.10
N GLU A 241 -25.82 12.94 -26.28
CA GLU A 241 -24.54 12.29 -26.35
C GLU A 241 -23.30 12.99 -25.84
N ILE A 242 -22.88 14.14 -26.39
CA ILE A 242 -21.66 14.87 -26.01
C ILE A 242 -20.48 13.91 -26.25
N GLN A 243 -20.09 13.82 -27.52
CA GLN A 243 -18.96 12.99 -27.95
C GLN A 243 -17.72 13.85 -28.03
N GLU A 244 -16.71 13.58 -27.19
CA GLU A 244 -15.46 14.33 -27.25
C GLU A 244 -14.48 13.64 -28.18
N ASP A 245 -13.53 14.39 -28.75
CA ASP A 245 -12.57 13.76 -29.61
C ASP A 245 -11.43 13.27 -28.72
N GLY A 246 -11.11 11.99 -28.94
CA GLY A 246 -10.06 11.29 -28.21
C GLY A 246 -10.49 10.65 -26.91
N VAL A 247 -11.83 10.62 -26.70
CA VAL A 247 -12.50 10.06 -25.52
C VAL A 247 -13.62 9.17 -26.02
N ILE A 248 -13.23 7.91 -26.11
CA ILE A 248 -14.12 6.84 -26.54
C ILE A 248 -14.87 6.37 -25.28
N SER A 249 -16.19 6.49 -25.22
CA SER A 249 -16.95 6.04 -24.05
C SER A 249 -17.26 4.56 -24.10
N GLU A 250 -16.55 3.78 -23.29
CA GLU A 250 -16.75 2.32 -23.27
C GLU A 250 -16.72 1.82 -21.84
N THR A 251 -17.71 1.04 -21.39
CA THR A 251 -17.71 0.47 -20.05
C THR A 251 -16.76 -0.72 -19.99
N GLY A 252 -16.14 -1.06 -18.86
CA GLY A 252 -15.33 -2.26 -18.88
C GLY A 252 -14.67 -2.81 -17.63
N ASN A 253 -15.25 -3.94 -17.27
CA ASN A 253 -14.70 -4.95 -16.38
C ASN A 253 -13.99 -4.69 -15.06
N TYR A 254 -14.36 -5.42 -14.03
CA TYR A 254 -13.79 -5.28 -12.71
C TYR A 254 -12.33 -5.69 -12.61
N VAL A 255 -11.52 -4.65 -12.60
CA VAL A 255 -10.08 -4.83 -12.50
C VAL A 255 -9.49 -4.21 -11.23
N GLU A 256 -8.20 -4.40 -11.04
CA GLU A 256 -7.47 -3.75 -9.98
C GLU A 256 -7.09 -2.37 -10.46
N ALA A 257 -7.08 -1.40 -9.52
CA ALA A 257 -6.71 -0.03 -9.84
C ALA A 257 -5.22 0.13 -10.06
N GLY A 258 -4.84 1.30 -10.63
CA GLY A 258 -3.47 1.60 -10.94
C GLY A 258 -2.58 1.76 -9.72
N TYR A 259 -1.28 1.71 -9.97
CA TYR A 259 -0.27 1.91 -8.95
C TYR A 259 0.44 3.26 -9.01
N THR A 260 0.36 4.03 -10.11
CA THR A 260 0.98 5.35 -10.17
C THR A 260 0.03 6.51 -10.43
N MET A 261 0.11 7.63 -9.70
CA MET A 261 -0.67 8.82 -10.03
C MET A 261 0.22 9.80 -10.74
N SER A 262 -0.19 10.21 -11.96
CA SER A 262 0.48 11.20 -12.80
C SER A 262 0.58 12.51 -12.01
N SER A 263 1.71 13.24 -12.03
CA SER A 263 1.82 14.41 -11.15
C SER A 263 0.86 15.55 -11.46
N ASN A 264 0.36 15.59 -12.69
CA ASN A 264 -0.50 16.68 -13.13
C ASN A 264 -1.99 16.43 -13.12
N ASN A 265 -2.38 15.29 -12.56
CA ASN A 265 -3.76 14.87 -12.34
C ASN A 265 -4.27 15.10 -10.90
N HIS A 266 -5.53 15.58 -10.78
CA HIS A 266 -6.13 15.90 -9.49
C HIS A 266 -7.63 15.80 -9.55
N ASP A 267 -8.19 15.46 -8.38
CA ASP A 267 -9.64 15.48 -8.12
C ASP A 267 -9.87 16.12 -6.76
N VAL A 268 -10.83 17.03 -6.66
CA VAL A 268 -11.08 17.72 -5.40
C VAL A 268 -12.57 17.91 -5.20
N ILE A 269 -12.98 18.36 -4.02
CA ILE A 269 -14.38 18.69 -3.82
C ILE A 269 -14.37 20.17 -3.61
N VAL A 270 -14.94 20.82 -4.61
CA VAL A 270 -15.04 22.27 -4.63
C VAL A 270 -16.27 22.61 -3.82
N ARG A 271 -16.00 23.38 -2.77
CA ARG A 271 -16.99 23.89 -1.83
C ARG A 271 -17.31 25.38 -2.12
N PHE A 272 -18.55 25.74 -2.43
CA PHE A 272 -18.86 27.12 -2.78
C PHE A 272 -19.06 28.07 -1.59
N PRO A 273 -19.17 29.41 -1.72
CA PRO A 273 -19.15 30.33 -0.60
C PRO A 273 -20.35 30.34 0.33
N GLU A 274 -20.00 30.97 1.46
CA GLU A 274 -20.82 31.36 2.60
C GLU A 274 -22.33 31.17 2.48
N GLY A 275 -22.99 31.91 1.59
CA GLY A 275 -24.41 31.83 1.37
C GLY A 275 -24.66 31.83 -0.11
N SER A 276 -23.79 31.13 -0.85
CA SER A 276 -23.87 31.03 -2.30
C SER A 276 -25.08 30.27 -2.77
N GLY A 277 -25.44 29.28 -1.94
CA GLY A 277 -26.56 28.36 -2.17
C GLY A 277 -26.22 27.28 -3.19
N VAL A 278 -24.90 27.11 -3.36
CA VAL A 278 -24.30 26.22 -4.33
C VAL A 278 -23.64 25.06 -3.61
N SER A 279 -24.24 23.90 -3.91
CA SER A 279 -23.78 22.66 -3.32
C SER A 279 -22.47 22.16 -3.89
N PRO A 280 -21.57 21.64 -3.02
CA PRO A 280 -20.28 21.08 -3.35
C PRO A 280 -20.25 20.15 -4.54
N LEU A 281 -19.27 20.48 -5.38
CA LEU A 281 -19.02 19.72 -6.58
C LEU A 281 -17.69 18.97 -6.50
N TYR A 282 -17.74 17.71 -6.95
CA TYR A 282 -16.56 16.88 -7.04
C TYR A 282 -16.16 17.04 -8.48
N ILE A 283 -14.88 17.29 -8.68
CA ILE A 283 -14.37 17.47 -10.01
C ILE A 283 -13.03 16.81 -10.20
N SER A 284 -12.93 16.12 -11.33
CA SER A 284 -11.72 15.39 -11.69
C SER A 284 -11.04 15.94 -12.94
N ALA A 285 -9.73 16.20 -12.86
CA ALA A 285 -9.01 16.81 -13.97
C ALA A 285 -7.77 16.05 -14.39
N VAL A 286 -7.92 15.33 -15.50
CA VAL A 286 -6.90 14.44 -16.04
C VAL A 286 -6.13 14.97 -17.25
N GLU A 287 -4.88 14.54 -17.35
CA GLU A 287 -3.98 14.84 -18.44
C GLU A 287 -3.86 13.68 -19.45
N ILE A 288 -4.35 13.87 -20.69
CA ILE A 288 -4.30 12.90 -21.79
C ILE A 288 -2.80 12.72 -22.10
N LEU A 289 -2.20 11.55 -21.82
CA LEU A 289 -0.78 11.23 -22.05
C LEU A 289 -0.53 10.81 -23.50
N ASP A 290 0.62 11.22 -24.05
CA ASP A 290 1.02 10.92 -25.43
C ASP A 290 1.75 9.59 -25.59
N SER A 291 1.85 9.05 -26.80
CA SER A 291 2.45 7.75 -27.07
C SER A 291 3.71 7.21 -26.42
N ASN A 292 4.67 8.07 -26.13
CA ASN A 292 5.87 7.60 -25.46
C ASN A 292 5.80 7.83 -23.97
N SER A 293 4.87 8.67 -23.54
CA SER A 293 4.64 8.88 -22.13
C SER A 293 3.82 7.70 -21.57
N LEU A 294 2.95 7.10 -22.37
CA LEU A 294 2.19 5.89 -22.06
C LEU A 294 3.09 4.71 -21.73
N SER A 295 4.02 4.36 -22.62
CA SER A 295 5.06 3.36 -22.37
C SER A 295 5.87 3.66 -21.11
N GLN A 296 6.21 4.94 -20.89
CA GLN A 296 6.93 5.37 -19.69
C GLN A 296 6.18 5.00 -18.44
N ARG A 297 4.87 5.33 -18.48
CA ARG A 297 3.97 5.09 -17.36
C ARG A 297 3.61 3.62 -17.23
N GLN A 298 3.56 2.87 -18.33
CA GLN A 298 3.27 1.45 -18.21
C GLN A 298 4.40 0.69 -17.55
N GLU A 299 5.66 1.10 -17.69
CA GLU A 299 6.74 0.40 -17.01
C GLU A 299 6.81 0.86 -15.57
N ALA A 300 6.44 2.12 -15.33
CA ALA A 300 6.35 2.66 -13.98
C ALA A 300 5.31 1.87 -13.18
N GLU A 301 4.24 1.50 -13.92
CA GLU A 301 3.16 0.69 -13.45
C GLU A 301 3.57 -0.73 -13.14
N ASN A 302 4.10 -1.37 -14.20
CA ASN A 302 4.59 -2.73 -14.16
C ASN A 302 5.59 -2.88 -13.07
N ASN A 303 6.49 -1.91 -12.89
CA ASN A 303 7.45 -1.97 -11.80
C ASN A 303 6.86 -1.76 -10.43
N ALA A 304 5.92 -0.81 -10.23
CA ALA A 304 5.26 -0.58 -8.93
C ALA A 304 4.42 -1.77 -8.48
N LYS A 305 3.85 -2.47 -9.47
CA LYS A 305 3.07 -3.68 -9.25
C LYS A 305 3.89 -4.87 -8.72
N ASP A 306 4.96 -5.25 -9.42
CA ASP A 306 5.79 -6.40 -9.06
C ASP A 306 6.55 -6.21 -7.77
N ASP A 307 6.88 -4.97 -7.44
CA ASP A 307 7.59 -4.70 -6.22
C ASP A 307 6.64 -4.79 -5.04
N PHE A 308 5.37 -4.43 -5.27
CA PHE A 308 4.33 -4.54 -4.24
C PHE A 308 4.06 -6.00 -3.97
N ARG A 309 4.01 -6.75 -5.07
CA ARG A 309 3.82 -8.18 -5.10
C ARG A 309 4.93 -8.89 -4.36
N VAL A 310 6.16 -8.40 -4.51
CA VAL A 310 7.27 -9.04 -3.85
C VAL A 310 7.22 -8.71 -2.37
N LYS A 311 6.98 -7.46 -1.97
CA LYS A 311 6.96 -7.07 -0.58
C LYS A 311 5.87 -7.79 0.15
N LYS A 312 4.74 -8.00 -0.53
CA LYS A 312 3.58 -8.64 0.07
C LYS A 312 3.86 -10.05 0.50
N GLU A 313 4.37 -10.92 -0.38
CA GLU A 313 4.67 -12.30 -0.04
C GLU A 313 5.79 -12.37 1.01
N GLN A 314 6.81 -11.52 0.86
CA GLN A 314 7.91 -11.46 1.80
C GLN A 314 7.39 -11.28 3.21
N GLU A 315 6.50 -10.31 3.42
CA GLU A 315 6.03 -10.02 4.76
C GLU A 315 5.00 -11.00 5.26
N ASN A 316 4.22 -11.55 4.34
CA ASN A 316 3.22 -12.48 4.73
C ASN A 316 3.97 -13.71 5.17
N ASP A 317 4.75 -14.34 4.27
CA ASP A 317 5.53 -15.52 4.62
C ASP A 317 6.37 -15.32 5.87
N GLU A 318 6.85 -14.10 6.13
CA GLU A 318 7.62 -13.82 7.35
C GLU A 318 6.71 -13.95 8.56
N LYS A 319 5.50 -13.39 8.46
CA LYS A 319 4.49 -13.43 9.50
C LYS A 319 4.04 -14.86 9.84
N THR A 320 3.95 -15.74 8.83
CA THR A 320 3.49 -17.09 9.09
C THR A 320 4.56 -17.94 9.74
N VAL A 321 5.85 -17.76 9.44
CA VAL A 321 6.86 -18.59 10.09
C VAL A 321 7.12 -18.08 11.50
N LEU A 322 6.93 -16.78 11.71
CA LEU A 322 7.08 -16.26 13.05
C LEU A 322 5.91 -16.73 13.90
N THR A 323 4.65 -16.81 13.38
CA THR A 323 3.56 -17.28 14.24
C THR A 323 3.68 -18.76 14.50
N LYS A 324 4.01 -19.60 13.52
CA LYS A 324 4.27 -21.00 13.83
C LYS A 324 5.44 -21.12 14.80
N THR A 325 6.54 -20.33 14.72
CA THR A 325 7.65 -20.48 15.65
C THR A 325 7.22 -20.23 17.08
N SER A 326 6.49 -19.14 17.26
CA SER A 326 5.91 -18.72 18.53
C SER A 326 5.16 -19.87 19.18
N GLU A 327 4.29 -20.52 18.40
CA GLU A 327 3.48 -21.63 18.86
C GLU A 327 4.35 -22.80 19.27
N VAL A 328 5.38 -23.15 18.49
CA VAL A 328 6.28 -24.25 18.81
C VAL A 328 7.12 -23.94 20.05
N ILE A 329 7.57 -22.70 20.17
CA ILE A 329 8.34 -22.27 21.34
C ILE A 329 7.44 -22.33 22.56
N ILE A 330 6.13 -22.16 22.42
CA ILE A 330 5.26 -22.24 23.57
C ILE A 330 4.95 -23.66 23.95
N SER A 331 4.82 -24.53 22.94
CA SER A 331 4.63 -25.95 23.21
C SER A 331 5.85 -26.46 23.97
N VAL A 332 7.10 -26.16 23.57
CA VAL A 332 8.34 -26.52 24.24
C VAL A 332 8.26 -26.09 25.69
N GLY A 333 7.76 -24.88 25.86
CA GLY A 333 7.56 -24.28 27.16
C GLY A 333 6.63 -25.14 27.97
N ASP A 334 5.49 -25.52 27.38
CA ASP A 334 4.54 -26.37 28.03
C ASP A 334 5.18 -27.71 28.35
N LYS A 335 5.72 -28.51 27.40
CA LYS A 335 6.38 -29.80 27.65
C LYS A 335 7.53 -29.78 28.64
N VAL A 336 8.54 -28.96 28.43
CA VAL A 336 9.63 -28.86 29.39
C VAL A 336 9.07 -28.30 30.69
N GLY A 337 8.09 -27.40 30.60
CA GLY A 337 7.45 -26.78 31.74
C GLY A 337 6.91 -27.75 32.78
N GLU A 338 5.99 -28.70 32.48
CA GLU A 338 5.49 -29.61 33.50
C GLU A 338 6.57 -30.61 34.01
N TYR A 339 7.85 -30.22 34.00
CA TYR A 339 8.99 -30.94 34.58
C TYR A 339 9.97 -29.92 35.19
N LEU A 340 10.31 -28.82 34.50
CA LEU A 340 11.27 -27.84 35.01
C LEU A 340 10.65 -26.70 35.77
N GLY A 341 9.32 -26.59 35.69
CA GLY A 341 8.66 -25.52 36.43
C GLY A 341 8.00 -24.50 35.53
N ASP A 342 7.19 -23.70 36.24
CA ASP A 342 6.37 -22.67 35.63
C ASP A 342 7.08 -21.34 35.38
N LYS A 343 8.23 -21.18 36.03
CA LYS A 343 9.15 -20.06 35.80
C LYS A 343 9.84 -20.29 34.44
N TYR A 344 9.97 -21.58 34.08
CA TYR A 344 10.44 -21.98 32.77
C TYR A 344 9.31 -21.64 31.80
N LYS A 345 8.05 -22.08 31.98
CA LYS A 345 6.95 -21.72 31.09
C LYS A 345 6.81 -20.23 30.70
N ALA A 346 7.03 -19.38 31.70
CA ALA A 346 6.93 -17.93 31.58
C ALA A 346 7.97 -17.29 30.68
N LEU A 347 9.20 -17.86 30.77
CA LEU A 347 10.29 -17.51 29.88
C LEU A 347 9.88 -17.88 28.46
N SER A 348 9.46 -19.11 28.13
CA SER A 348 8.97 -19.43 26.80
C SER A 348 7.92 -18.46 26.31
N ARG A 349 6.97 -17.97 27.15
CA ARG A 349 6.00 -16.97 26.71
C ARG A 349 6.79 -15.79 26.16
N GLU A 350 7.76 -15.28 26.96
CA GLU A 350 8.67 -14.21 26.55
C GLU A 350 9.46 -14.49 25.27
N ILE A 351 10.10 -15.65 25.07
CA ILE A 351 10.85 -15.89 23.85
C ILE A 351 9.87 -15.93 22.69
N ALA A 352 8.76 -16.64 22.83
CA ALA A 352 7.76 -16.65 21.79
C ALA A 352 7.18 -15.25 21.55
N GLU A 353 6.97 -14.41 22.57
CA GLU A 353 6.46 -13.04 22.40
C GLU A 353 7.46 -12.25 21.56
N ASN A 354 8.74 -12.33 21.93
CA ASN A 354 9.80 -11.69 21.20
C ASN A 354 9.98 -12.13 19.76
N ILE A 355 9.72 -13.41 19.48
CA ILE A 355 9.86 -13.91 18.14
C ILE A 355 8.64 -13.44 17.35
N ASN A 356 7.46 -13.52 17.99
CA ASN A 356 6.24 -13.18 17.30
C ASN A 356 6.15 -11.72 16.93
N ASN A 357 7.05 -10.91 17.45
CA ASN A 357 7.13 -9.50 17.09
C ASN A 357 8.43 -9.10 16.40
N PHE A 358 9.39 -10.02 16.38
CA PHE A 358 10.71 -9.85 15.80
C PHE A 358 10.74 -9.39 14.37
N GLN A 359 9.62 -9.33 13.66
CA GLN A 359 9.55 -8.80 12.31
C GLN A 359 10.16 -7.40 12.20
N GLY A 360 11.08 -7.32 11.27
CA GLY A 360 11.80 -6.08 11.04
C GLY A 360 13.06 -5.99 11.90
N LYS A 361 13.15 -6.76 13.01
CA LYS A 361 14.33 -6.76 13.85
C LYS A 361 15.42 -7.67 13.27
N THR A 362 16.57 -7.52 13.92
CA THR A 362 17.81 -8.15 13.50
C THR A 362 18.32 -9.12 14.55
N ILE A 363 18.78 -10.36 14.28
CA ILE A 363 19.25 -11.19 15.39
C ILE A 363 20.49 -10.58 16.02
N ARG A 364 20.84 -10.95 17.26
CA ARG A 364 22.03 -10.43 17.90
C ARG A 364 23.30 -10.83 17.17
N SER A 365 24.41 -10.17 17.47
CA SER A 365 25.63 -10.53 16.77
C SER A 365 26.13 -11.87 17.27
N TYR A 366 26.91 -12.48 16.40
CA TYR A 366 27.70 -13.68 16.59
C TYR A 366 28.51 -13.61 17.87
N ASP A 367 29.30 -12.54 18.09
CA ASP A 367 30.15 -12.39 19.27
C ASP A 367 29.30 -12.13 20.52
N ASP A 368 28.10 -11.51 20.41
CA ASP A 368 27.21 -11.28 21.54
C ASP A 368 26.45 -12.51 21.97
N ALA A 369 25.93 -13.29 21.00
CA ALA A 369 25.24 -14.56 21.25
C ALA A 369 26.16 -15.59 21.86
N MET A 370 27.37 -15.75 21.28
CA MET A 370 28.33 -16.68 21.84
C MET A 370 28.87 -16.22 23.17
N SER A 371 28.75 -14.96 23.56
CA SER A 371 29.15 -14.67 24.92
C SER A 371 28.03 -15.15 25.85
N SER A 372 26.78 -15.08 25.37
CA SER A 372 25.65 -15.51 26.17
C SER A 372 25.64 -17.00 26.35
N ILE A 373 25.72 -17.80 25.28
CA ILE A 373 25.63 -19.23 25.52
C ILE A 373 26.88 -19.71 26.25
N ASN A 374 28.02 -19.04 26.19
CA ASN A 374 29.21 -19.43 26.96
C ASN A 374 29.00 -19.25 28.46
N LYS A 375 28.12 -18.29 28.77
CA LYS A 375 27.71 -17.95 30.11
C LYS A 375 26.78 -19.03 30.65
N LEU A 376 25.93 -19.59 29.77
CA LEU A 376 24.98 -20.60 30.16
C LEU A 376 25.67 -21.90 30.43
N MET A 377 26.47 -22.30 29.45
CA MET A 377 27.22 -23.55 29.47
C MET A 377 28.34 -23.50 30.48
N ALA A 378 28.55 -22.33 31.09
CA ALA A 378 29.53 -22.17 32.14
C ALA A 378 28.95 -22.56 33.49
N ASN A 379 27.62 -22.47 33.62
CA ASN A 379 26.90 -22.85 34.84
C ASN A 379 27.23 -24.32 35.10
N PRO A 380 27.97 -24.61 36.17
CA PRO A 380 28.37 -25.96 36.53
C PRO A 380 27.25 -26.90 36.95
N SER A 381 26.06 -26.40 37.33
CA SER A 381 24.95 -27.29 37.59
C SER A 381 24.11 -27.55 36.33
N LEU A 382 24.69 -27.24 35.15
CA LEU A 382 24.16 -27.51 33.81
C LEU A 382 25.09 -28.53 33.12
N LYS A 383 24.89 -29.80 33.55
CA LYS A 383 25.64 -30.97 33.13
C LYS A 383 24.77 -32.18 32.74
N ILE A 384 25.30 -33.04 31.83
CA ILE A 384 24.71 -34.32 31.36
C ILE A 384 25.63 -35.53 31.56
N ASN A 385 25.10 -36.71 31.93
CA ASN A 385 25.95 -37.90 31.95
C ASN A 385 25.95 -38.58 30.58
N ALA A 386 27.06 -39.25 30.26
CA ALA A 386 27.35 -39.92 28.98
C ALA A 386 26.29 -40.77 28.30
N THR A 387 25.35 -41.19 29.14
CA THR A 387 24.24 -42.01 28.73
C THR A 387 23.14 -41.10 28.21
N ASP A 388 22.89 -39.97 28.89
CA ASP A 388 21.94 -38.98 28.42
C ASP A 388 22.48 -38.23 27.21
N LYS A 389 23.77 -37.88 27.20
CA LYS A 389 24.39 -37.19 26.08
C LYS A 389 24.21 -38.08 24.87
N GLU A 390 24.52 -39.37 25.01
CA GLU A 390 24.39 -40.33 23.92
C GLU A 390 22.97 -40.40 23.36
N ALA A 391 21.95 -40.23 24.21
CA ALA A 391 20.56 -40.26 23.79
C ALA A 391 20.20 -39.04 22.97
N ILE A 392 20.76 -37.84 23.24
CA ILE A 392 20.42 -36.64 22.47
C ILE A 392 21.05 -36.63 21.09
N VAL A 393 22.30 -37.07 21.10
CA VAL A 393 23.07 -37.21 19.88
C VAL A 393 22.33 -38.17 18.98
N ASN A 394 22.07 -39.40 19.42
CA ASN A 394 21.34 -40.39 18.64
C ASN A 394 19.94 -39.97 18.17
N ALA A 395 19.29 -39.10 18.94
CA ALA A 395 18.02 -38.53 18.56
C ALA A 395 18.18 -37.55 17.41
N TRP A 396 19.27 -36.78 17.40
CA TRP A 396 19.53 -35.94 16.25
C TRP A 396 19.94 -36.77 15.03
N LYS A 397 20.69 -37.86 15.16
CA LYS A 397 21.09 -38.72 14.04
C LYS A 397 19.94 -39.32 13.29
N ALA A 398 18.78 -39.44 13.93
CA ALA A 398 17.60 -39.99 13.30
C ALA A 398 16.61 -38.93 12.84
N PHE A 399 16.85 -37.67 13.22
CA PHE A 399 16.05 -36.55 12.76
C PHE A 399 15.98 -36.52 11.25
N ASN A 400 14.80 -36.27 10.70
CA ASN A 400 14.61 -36.17 9.27
C ASN A 400 14.73 -34.70 8.94
N ALA A 401 15.95 -34.33 8.58
CA ALA A 401 16.25 -32.99 8.15
C ALA A 401 15.43 -32.70 6.91
N GLU A 402 15.26 -33.66 5.98
CA GLU A 402 14.54 -33.44 4.75
C GLU A 402 13.09 -33.09 4.90
N ASP A 403 12.41 -33.61 5.92
CA ASP A 403 11.02 -33.22 6.10
C ASP A 403 10.85 -31.91 6.87
N MET A 404 11.80 -31.58 7.78
CA MET A 404 11.86 -30.29 8.45
C MET A 404 12.11 -29.20 7.42
N GLY A 405 12.76 -29.62 6.33
CA GLY A 405 13.00 -28.80 5.18
C GLY A 405 11.68 -28.53 4.49
N ASN A 406 10.99 -29.59 4.09
CA ASN A 406 9.68 -29.51 3.45
C ASN A 406 8.62 -28.75 4.23
N LYS A 407 8.75 -28.50 5.54
CA LYS A 407 7.76 -27.71 6.26
C LYS A 407 7.70 -26.22 5.95
N PHE A 408 6.65 -26.11 5.12
CA PHE A 408 5.87 -25.02 4.50
C PHE A 408 4.72 -25.65 3.75
N ALA A 409 4.54 -26.98 3.94
CA ALA A 409 3.52 -27.85 3.33
C ALA A 409 2.71 -28.77 4.28
N ALA A 410 3.37 -29.43 5.25
CA ALA A 410 2.69 -30.27 6.23
C ALA A 410 2.62 -29.63 7.63
N LEU A 411 2.65 -28.29 7.55
CA LEU A 411 2.58 -27.36 8.66
C LEU A 411 1.62 -26.22 8.27
N GLY A 412 1.73 -25.82 6.98
CA GLY A 412 0.96 -24.76 6.35
C GLY A 412 1.60 -24.18 5.07
N LYS A 413 2.41 -23.10 5.20
CA LYS A 413 3.08 -22.33 4.12
C LYS A 413 4.36 -21.62 4.62
N THR A 414 4.94 -22.35 5.54
CA THR A 414 6.06 -21.97 6.37
C THR A 414 7.49 -21.92 5.77
N PHE A 415 8.07 -20.78 5.28
CA PHE A 415 9.47 -20.45 4.81
C PHE A 415 9.73 -20.05 3.33
N LYS A 416 9.71 -21.03 2.35
CA LYS A 416 9.86 -21.06 0.86
C LYS A 416 11.08 -21.83 0.29
N ALA A 417 10.94 -22.78 -0.66
CA ALA A 417 12.00 -23.61 -1.29
C ALA A 417 12.93 -24.55 -0.49
N ALA A 418 12.94 -25.89 -0.72
CA ALA A 418 13.79 -26.84 0.01
C ALA A 418 15.30 -26.98 -0.32
N ASP A 419 15.83 -25.82 0.11
CA ASP A 419 17.19 -25.33 0.26
C ASP A 419 17.48 -25.26 1.74
N TYR A 420 16.34 -25.40 2.45
CA TYR A 420 16.17 -25.42 3.88
C TYR A 420 16.44 -26.79 4.39
N ALA A 421 16.27 -27.86 3.59
CA ALA A 421 16.61 -29.19 4.10
C ALA A 421 18.08 -29.29 4.48
N ILE A 422 18.87 -28.57 3.67
CA ILE A 422 20.31 -28.40 3.79
C ILE A 422 20.64 -27.65 5.05
N LYS A 423 19.90 -26.57 5.33
CA LYS A 423 20.15 -25.77 6.53
C LYS A 423 19.76 -26.51 7.79
N ALA A 424 18.61 -27.20 7.69
CA ALA A 424 18.10 -28.03 8.76
C ALA A 424 19.05 -29.20 9.04
N ASN A 425 19.71 -29.77 8.03
CA ASN A 425 20.71 -30.81 8.27
C ASN A 425 21.96 -30.25 8.93
N ASN A 426 22.31 -29.00 8.62
CA ASN A 426 23.46 -28.44 9.27
C ASN A 426 23.17 -28.20 10.73
N ILE A 427 21.99 -27.69 11.10
CA ILE A 427 21.64 -27.50 12.51
C ILE A 427 21.75 -28.81 13.27
N ARG A 428 21.36 -29.89 12.59
CA ARG A 428 21.41 -31.23 13.13
C ARG A 428 22.85 -31.65 13.40
N GLU A 429 23.71 -31.76 12.38
CA GLU A 429 25.10 -32.15 12.58
C GLU A 429 25.85 -31.26 13.56
N LYS A 430 25.47 -29.97 13.55
CA LYS A 430 26.07 -28.99 14.43
C LYS A 430 25.44 -28.95 15.82
N SER A 431 24.24 -29.49 16.04
CA SER A 431 23.74 -29.63 17.40
C SER A 431 24.42 -30.87 17.96
N ILE A 432 24.68 -31.88 17.13
CA ILE A 432 25.34 -33.11 17.55
C ILE A 432 26.69 -32.75 18.09
N GLU A 433 27.53 -32.05 17.32
CA GLU A 433 28.76 -31.46 17.85
C GLU A 433 28.29 -30.40 18.84
N GLY A 434 28.92 -30.17 19.97
CA GLY A 434 28.27 -29.26 20.88
C GLY A 434 27.71 -30.18 21.94
N TYR A 435 26.86 -31.17 21.61
CA TYR A 435 26.49 -32.14 22.63
C TYR A 435 27.70 -33.03 22.75
N GLN A 436 28.34 -33.40 21.62
CA GLN A 436 29.53 -34.23 21.59
C GLN A 436 30.81 -33.56 22.06
N THR A 437 31.02 -32.29 21.62
CA THR A 437 32.24 -31.56 21.97
C THR A 437 32.05 -30.33 22.87
N GLY A 438 30.86 -29.79 23.09
CA GLY A 438 30.69 -28.62 23.93
C GLY A 438 31.09 -27.36 23.18
N ASN A 439 31.12 -27.48 21.84
CA ASN A 439 31.44 -26.39 20.94
C ASN A 439 30.22 -26.00 20.14
N TRP A 440 29.53 -24.97 20.63
CA TRP A 440 28.35 -24.48 19.94
C TRP A 440 28.65 -23.44 18.87
N GLY A 441 29.93 -23.21 18.64
CA GLY A 441 30.42 -22.29 17.62
C GLY A 441 29.91 -22.65 16.23
N PRO A 442 30.10 -23.84 15.65
CA PRO A 442 29.49 -24.25 14.39
C PRO A 442 28.00 -24.08 14.28
N LEU A 443 27.28 -24.23 15.39
CA LEU A 443 25.85 -24.03 15.39
C LEU A 443 25.50 -22.58 15.30
N MET A 444 26.09 -21.72 16.14
CA MET A 444 25.71 -20.33 16.17
C MET A 444 26.20 -19.57 14.94
N LEU A 445 27.28 -20.06 14.39
CA LEU A 445 27.90 -19.49 13.21
C LEU A 445 27.15 -19.77 11.93
N GLU A 446 26.54 -20.94 11.82
CA GLU A 446 25.73 -21.32 10.69
C GLU A 446 24.50 -20.44 10.62
N VAL A 447 23.97 -20.02 11.78
CA VAL A 447 22.74 -19.21 11.83
C VAL A 447 23.07 -17.82 11.31
N GLU A 448 24.22 -17.29 11.75
CA GLU A 448 24.70 -16.01 11.25
C GLU A 448 24.96 -16.08 9.75
N SER A 449 25.57 -17.17 9.26
CA SER A 449 25.78 -17.40 7.84
C SER A 449 24.52 -17.18 7.03
N TRP A 450 23.38 -17.66 7.54
CA TRP A 450 22.10 -17.52 6.85
C TRP A 450 21.71 -16.09 6.66
N VAL A 451 21.94 -15.27 7.71
CA VAL A 451 21.62 -13.86 7.63
C VAL A 451 22.58 -13.19 6.64
N ILE A 452 23.90 -13.30 6.88
CA ILE A 452 24.93 -12.74 6.02
C ILE A 452 24.73 -13.08 4.55
N SER A 453 24.53 -14.35 4.16
CA SER A 453 24.32 -14.63 2.75
C SER A 453 22.95 -14.19 2.24
N GLY A 454 22.21 -13.39 3.06
CA GLY A 454 20.98 -12.76 2.60
C GLY A 454 19.62 -13.10 3.20
N MET A 455 19.47 -13.92 4.28
CA MET A 455 18.17 -14.28 4.88
C MET A 455 17.77 -13.22 5.89
N ALA A 456 16.49 -12.88 5.86
CA ALA A 456 15.89 -11.94 6.80
C ALA A 456 16.08 -12.44 8.24
N SER A 457 16.60 -11.69 9.22
CA SER A 457 16.82 -12.18 10.59
C SER A 457 15.64 -12.92 11.17
N ALA A 458 14.44 -12.38 11.00
CA ALA A 458 13.23 -13.03 11.48
C ALA A 458 13.05 -14.43 10.88
N VAL A 459 13.19 -14.63 9.55
CA VAL A 459 13.12 -15.95 8.94
C VAL A 459 14.28 -16.83 9.47
N ALA A 460 15.50 -16.31 9.67
CA ALA A 460 16.57 -17.13 10.20
C ALA A 460 16.36 -17.51 11.66
N LEU A 461 15.63 -16.69 12.42
CA LEU A 461 15.30 -17.02 13.80
C LEU A 461 14.27 -18.14 13.81
N SER A 462 13.28 -18.10 12.91
CA SER A 462 12.25 -19.11 12.87
C SER A 462 12.80 -20.48 12.56
N LEU A 463 13.42 -20.73 11.40
CA LEU A 463 14.07 -21.99 11.05
C LEU A 463 14.93 -22.55 12.17
N PHE A 464 15.71 -21.74 12.86
CA PHE A 464 16.55 -22.21 13.93
C PHE A 464 15.74 -22.65 15.12
N SER A 465 14.79 -21.78 15.48
CA SER A 465 13.92 -22.05 16.60
C SER A 465 12.97 -23.20 16.30
N LEU A 466 12.35 -23.25 15.12
CA LEU A 466 11.53 -24.35 14.69
C LEU A 466 12.31 -25.65 14.64
N THR A 467 13.47 -25.74 13.96
CA THR A 467 14.27 -26.97 13.92
C THR A 467 14.60 -27.43 15.33
N LEU A 468 14.98 -26.55 16.27
CA LEU A 468 15.29 -26.98 17.62
C LEU A 468 14.09 -27.42 18.45
N GLY A 469 13.01 -26.63 18.43
CA GLY A 469 11.81 -26.84 19.22
C GLY A 469 11.03 -28.03 18.73
N SER A 470 10.67 -28.03 17.44
CA SER A 470 9.91 -29.14 16.89
C SER A 470 10.69 -30.44 16.75
N ALA A 471 11.96 -30.43 17.10
CA ALA A 471 12.71 -31.66 17.17
C ALA A 471 12.57 -32.12 18.60
N LEU A 472 12.64 -31.25 19.64
CA LEU A 472 12.48 -31.60 21.06
C LEU A 472 11.08 -32.10 21.41
N ILE A 473 10.00 -31.51 20.88
CA ILE A 473 8.67 -32.00 21.20
C ILE A 473 8.36 -33.27 20.46
N ALA A 474 9.36 -33.84 19.77
CA ALA A 474 9.21 -35.05 18.97
C ALA A 474 10.26 -36.09 19.30
N PHE A 475 11.23 -35.77 20.15
CA PHE A 475 12.25 -36.73 20.44
C PHE A 475 11.77 -37.76 21.43
N GLY A 476 12.21 -39.01 21.22
CA GLY A 476 11.94 -40.02 22.21
C GLY A 476 13.00 -39.89 23.30
N LEU A 477 12.80 -39.03 24.33
CA LEU A 477 13.82 -38.86 25.37
C LEU A 477 13.19 -38.80 26.76
N SER A 478 13.95 -39.23 27.80
CA SER A 478 13.47 -39.19 29.17
C SER A 478 13.30 -37.77 29.72
N ALA A 479 12.67 -37.58 30.89
CA ALA A 479 12.49 -36.26 31.46
C ALA A 479 13.74 -35.49 31.87
N THR A 480 14.82 -36.21 32.22
CA THR A 480 16.05 -35.56 32.66
C THR A 480 16.64 -34.83 31.49
N VAL A 481 16.67 -35.61 30.39
CA VAL A 481 17.14 -35.20 29.09
C VAL A 481 16.24 -34.11 28.53
N VAL A 482 14.92 -34.27 28.41
CA VAL A 482 14.04 -33.20 27.91
C VAL A 482 14.26 -31.87 28.65
N GLY A 483 14.58 -31.95 29.95
CA GLY A 483 14.91 -30.75 30.69
C GLY A 483 16.23 -30.11 30.20
N PHE A 484 17.29 -30.91 30.03
CA PHE A 484 18.58 -30.40 29.58
C PHE A 484 18.46 -29.73 28.22
N VAL A 485 17.80 -30.42 27.28
CA VAL A 485 17.62 -29.85 25.98
C VAL A 485 16.66 -28.69 26.07
N GLY A 486 15.71 -28.67 27.01
CA GLY A 486 14.80 -27.54 27.12
C GLY A 486 15.54 -26.30 27.55
N VAL A 487 16.59 -26.45 28.36
CA VAL A 487 17.47 -25.37 28.77
C VAL A 487 18.40 -24.98 27.60
N VAL A 488 19.16 -25.90 26.98
CA VAL A 488 20.04 -25.64 25.84
C VAL A 488 19.33 -24.92 24.74
N ILE A 489 18.24 -25.43 24.20
CA ILE A 489 17.61 -24.72 23.11
C ILE A 489 16.98 -23.41 23.52
N ALA A 490 16.57 -23.23 24.79
CA ALA A 490 15.98 -21.96 25.23
C ALA A 490 17.07 -20.91 25.38
N GLY A 491 18.20 -21.30 25.95
CA GLY A 491 19.37 -20.45 26.06
C GLY A 491 19.92 -20.18 24.66
N ALA A 492 19.77 -21.10 23.69
CA ALA A 492 20.25 -20.86 22.33
C ALA A 492 19.32 -19.93 21.56
N ILE A 493 18.02 -20.16 21.44
CA ILE A 493 17.14 -19.18 20.80
C ILE A 493 17.19 -17.86 21.56
N GLY A 494 17.39 -17.95 22.87
CA GLY A 494 17.48 -16.78 23.73
C GLY A 494 18.57 -15.80 23.32
N ALA A 495 19.78 -16.37 23.21
CA ALA A 495 21.00 -15.66 22.85
C ALA A 495 20.98 -14.83 21.57
N PHE A 496 20.13 -15.15 20.60
CA PHE A 496 19.99 -14.38 19.37
C PHE A 496 19.00 -13.25 19.55
N ILE A 497 18.33 -13.20 20.70
CA ILE A 497 17.29 -12.21 20.92
C ILE A 497 17.69 -11.30 22.04
N ASP A 498 18.06 -11.92 23.16
CA ASP A 498 18.36 -11.12 24.31
C ASP A 498 19.21 -11.86 25.30
N ASP A 499 20.02 -11.13 26.08
CA ASP A 499 20.81 -11.75 27.11
C ASP A 499 19.94 -11.94 28.35
N LYS A 500 18.82 -11.19 28.48
CA LYS A 500 17.87 -11.36 29.57
C LYS A 500 17.57 -12.84 29.71
N PHE A 501 17.11 -13.44 28.60
CA PHE A 501 16.71 -14.83 28.50
C PHE A 501 17.76 -15.81 29.01
N VAL A 502 19.05 -15.56 28.80
CA VAL A 502 20.05 -16.49 29.31
C VAL A 502 20.43 -16.15 30.75
N ASP A 503 20.12 -14.96 31.26
CA ASP A 503 20.28 -14.73 32.69
C ASP A 503 19.13 -15.37 33.46
N GLU A 504 17.85 -15.37 32.99
CA GLU A 504 16.72 -16.01 33.67
C GLU A 504 16.93 -17.49 33.90
N LEU A 505 17.52 -18.15 32.93
CA LEU A 505 17.84 -19.57 32.95
C LEU A 505 18.81 -19.91 34.06
N ASN A 506 20.04 -19.37 34.00
CA ASN A 506 21.05 -19.61 35.03
C ASN A 506 20.64 -19.22 36.44
N HIS A 507 20.17 -17.99 36.64
CA HIS A 507 19.92 -17.48 37.97
C HIS A 507 18.60 -17.91 38.61
N LYS A 508 17.54 -18.15 37.84
CA LYS A 508 16.32 -18.59 38.46
C LYS A 508 15.89 -20.02 38.15
N ILE A 509 16.39 -20.64 37.07
CA ILE A 509 15.88 -21.95 36.64
C ILE A 509 16.77 -23.16 36.89
N ILE A 510 18.06 -23.10 36.59
CA ILE A 510 18.97 -24.23 36.75
C ILE A 510 19.38 -24.37 38.20
N LYS A 511 19.94 -23.23 38.61
CA LYS A 511 20.44 -22.87 39.95
C LYS A 511 21.56 -23.74 40.52
#